data_1LT7
#
_entry.id   1LT7
#
_cell.length_a   109.990
_cell.length_b   90.085
_cell.length_c   89.085
_cell.angle_alpha   90.00
_cell.angle_beta   122.10
_cell.angle_gamma   90.00
#
_symmetry.space_group_name_H-M   'C 1 2 1'
#
loop_
_entity.id
_entity.type
_entity.pdbx_description
1 polymer 'BETAINE-HOMOCYSTEINE METHYLTRANSFERASE'
2 non-polymer 'SAMARIUM (III) ION'
3 non-polymer 'CITRIC ACID'
4 water water
#
_entity_poly.entity_id   1
_entity_poly.type   'polypeptide(L)'
_entity_poly.pdbx_seq_one_letter_code
;MAPVGGKKAKKGILERLNAGEIVIGDGGFVFALEKRGYVKAGPWTPEAAVEHPEAVRQLHREFLRAGSNVMQTFTFYASE
DKLENRGNYVLEKISGQEVNEAAADIARQVADEGDALVAGGVSQTPSYLSAKSETEVKKVFLQQLEVFMKKNVDFLIAEY
FEHVEEAVWAVETLIASGKPVAATMAIGPEGDLHGVPPGEAAVRLVKAGASIIGVNCHFDPTISLKTVKLMKEGLEAAQL
KAHLMSQPLAYHTPDANKQGFIDLPEFPFGLEPRVATRWDIQKYAREAYNLGVRYIGGCCGFEPYHIRAIAEELAPERGF
LPPASEKHGSWGSGLDMHTKPWVRARARKEYWENLRIASGRPYNPSMSKPDGWGVTKGTAELMQQKEATTEQQLKELFEK
QKFKSQ
;
_entity_poly.pdbx_strand_id   A,B
#
loop_
_chem_comp.id
_chem_comp.type
_chem_comp.name
_chem_comp.formula
CIT non-polymer 'CITRIC ACID' 'C6 H8 O7'
SM non-polymer 'SAMARIUM (III) ION' 'Sm 3'
#
# COMPACT_ATOMS: atom_id res chain seq x y z
N LYS A 11 -0.92 17.05 -26.09
CA LYS A 11 -0.90 15.99 -27.16
C LYS A 11 -1.89 14.86 -26.87
N GLY A 12 -2.63 14.42 -27.88
CA GLY A 12 -3.57 13.33 -27.68
C GLY A 12 -2.79 12.03 -27.43
N ILE A 13 -3.49 10.95 -27.07
CA ILE A 13 -2.79 9.69 -26.81
C ILE A 13 -2.04 9.23 -28.05
N LEU A 14 -2.70 9.28 -29.21
CA LEU A 14 -2.02 8.86 -30.42
C LEU A 14 -0.90 9.79 -30.90
N GLU A 15 -0.97 11.08 -30.59
CA GLU A 15 0.09 11.99 -31.03
C GLU A 15 1.33 11.73 -30.19
N ARG A 16 1.11 11.48 -28.90
CA ARG A 16 2.19 11.16 -28.00
C ARG A 16 2.91 9.96 -28.49
N LEU A 17 2.18 8.88 -28.68
CA LEU A 17 2.79 7.63 -29.11
C LEU A 17 3.50 7.73 -30.44
N ASN A 18 2.93 8.46 -31.40
CA ASN A 18 3.59 8.61 -32.70
C ASN A 18 4.81 9.50 -32.55
N ALA A 19 4.80 10.43 -31.59
CA ALA A 19 5.96 11.27 -31.39
C ALA A 19 7.04 10.52 -30.56
N GLY A 20 6.95 9.21 -30.48
CA GLY A 20 7.95 8.44 -29.76
C GLY A 20 7.90 8.53 -28.23
N GLU A 21 6.82 9.09 -27.69
CA GLU A 21 6.79 9.21 -26.24
C GLU A 21 6.38 7.93 -25.51
N ILE A 22 6.77 7.84 -24.24
CA ILE A 22 6.40 6.70 -23.40
C ILE A 22 5.16 7.14 -22.60
N VAL A 23 4.03 6.46 -22.78
CA VAL A 23 2.87 6.84 -21.99
C VAL A 23 2.82 5.99 -20.69
N ILE A 24 2.84 6.64 -19.53
CA ILE A 24 2.77 5.96 -18.23
C ILE A 24 1.33 5.94 -17.74
N GLY A 25 0.80 4.75 -17.54
CA GLY A 25 -0.58 4.63 -17.09
C GLY A 25 -0.72 4.90 -15.62
N ASP A 26 -1.96 4.97 -15.14
CA ASP A 26 -2.18 5.21 -13.71
C ASP A 26 -2.53 3.86 -13.07
N GLY A 27 -1.72 2.86 -13.37
CA GLY A 27 -1.94 1.52 -12.86
C GLY A 27 -2.24 1.32 -11.39
N GLY A 28 -3.37 0.67 -11.09
CA GLY A 28 -3.72 0.37 -9.72
C GLY A 28 -4.75 1.28 -9.12
N PHE A 29 -5.22 2.25 -9.92
CA PHE A 29 -6.18 3.22 -9.43
C PHE A 29 -7.32 2.62 -8.64
N VAL A 30 -8.03 1.68 -9.23
CA VAL A 30 -9.14 1.09 -8.51
C VAL A 30 -8.66 0.30 -7.33
N PHE A 31 -7.55 -0.43 -7.50
CA PHE A 31 -7.06 -1.26 -6.39
C PHE A 31 -6.67 -0.39 -5.19
N ALA A 32 -6.06 0.75 -5.48
CA ALA A 32 -5.65 1.66 -4.42
C ALA A 32 -6.88 2.18 -3.68
N LEU A 33 -7.88 2.69 -4.41
CA LEU A 33 -9.05 3.22 -3.70
C LEU A 33 -9.71 2.13 -2.89
N GLU A 34 -9.75 0.93 -3.47
CA GLU A 34 -10.30 -0.19 -2.76
C GLU A 34 -9.47 -0.41 -1.51
N LYS A 35 -8.14 -0.37 -1.64
CA LYS A 35 -7.24 -0.57 -0.49
C LYS A 35 -7.31 0.52 0.58
N ARG A 36 -7.57 1.75 0.14
CA ARG A 36 -7.68 2.85 1.08
C ARG A 36 -9.08 2.85 1.68
N GLY A 37 -9.94 2.02 1.10
CA GLY A 37 -11.29 1.89 1.64
C GLY A 37 -12.43 2.76 1.15
N TYR A 38 -12.54 3.01 -0.14
CA TYR A 38 -13.63 3.83 -0.64
C TYR A 38 -14.31 3.08 -1.76
N HIS A 52 -16.42 10.35 -1.43
CA HIS A 52 -15.38 11.28 -0.89
C HIS A 52 -14.54 11.70 -2.06
N PRO A 53 -15.04 12.69 -2.81
CA PRO A 53 -14.34 13.21 -3.99
C PRO A 53 -12.91 13.63 -3.66
N GLU A 54 -12.68 14.07 -2.42
CA GLU A 54 -11.35 14.50 -2.06
C GLU A 54 -10.42 13.28 -2.01
N ALA A 55 -10.93 12.16 -1.48
CA ALA A 55 -10.16 10.93 -1.41
C ALA A 55 -9.81 10.48 -2.84
N VAL A 56 -10.76 10.60 -3.75
CA VAL A 56 -10.56 10.22 -5.13
C VAL A 56 -9.60 11.19 -5.82
N ARG A 57 -9.77 12.48 -5.54
CA ARG A 57 -8.90 13.48 -6.13
C ARG A 57 -7.45 13.29 -5.67
N GLN A 58 -7.23 13.04 -4.38
CA GLN A 58 -5.88 12.82 -3.88
C GLN A 58 -5.20 11.60 -4.57
N LEU A 59 -5.89 10.46 -4.63
CA LEU A 59 -5.32 9.28 -5.26
C LEU A 59 -4.89 9.63 -6.66
N HIS A 60 -5.75 10.35 -7.41
CA HIS A 60 -5.42 10.76 -8.79
C HIS A 60 -4.14 11.61 -8.78
N ARG A 61 -4.08 12.56 -7.88
CA ARG A 61 -2.89 13.40 -7.78
C ARG A 61 -1.61 12.57 -7.51
N GLU A 62 -1.76 11.52 -6.70
CA GLU A 62 -0.59 10.71 -6.38
C GLU A 62 -0.08 10.05 -7.62
N PHE A 63 -0.95 9.43 -8.41
CA PHE A 63 -0.50 8.88 -9.66
C PHE A 63 0.13 9.93 -10.62
N LEU A 64 -0.53 11.08 -10.82
CA LEU A 64 0.01 12.12 -11.71
C LEU A 64 1.37 12.55 -11.18
N ARG A 65 1.47 12.71 -9.87
CA ARG A 65 2.72 13.13 -9.29
C ARG A 65 3.81 12.02 -9.44
N ALA A 66 3.38 10.76 -9.61
CA ALA A 66 4.31 9.64 -9.74
C ALA A 66 4.76 9.53 -11.19
N GLY A 67 4.07 10.24 -12.06
CA GLY A 67 4.43 10.26 -13.46
C GLY A 67 3.38 9.76 -14.41
N SER A 68 2.20 9.38 -13.91
CA SER A 68 1.17 8.89 -14.84
C SER A 68 0.72 9.96 -15.82
N ASN A 69 0.52 9.55 -17.08
CA ASN A 69 0.05 10.46 -18.17
C ASN A 69 -1.43 10.22 -18.47
N VAL A 70 -2.07 9.37 -17.68
CA VAL A 70 -3.47 9.07 -17.89
C VAL A 70 -4.19 9.01 -16.55
N MET A 71 -5.37 9.59 -16.49
CA MET A 71 -6.19 9.54 -15.29
C MET A 71 -7.43 8.76 -15.77
N GLN A 72 -7.68 7.56 -15.27
CA GLN A 72 -8.85 6.83 -15.78
C GLN A 72 -10.16 7.20 -15.10
N THR A 73 -11.25 6.86 -15.75
CA THR A 73 -12.56 7.14 -15.19
C THR A 73 -13.46 6.04 -15.70
N PHE A 74 -14.43 5.66 -14.89
CA PHE A 74 -15.30 4.57 -15.26
C PHE A 74 -16.75 4.86 -15.03
N THR A 75 -17.57 3.93 -15.52
CA THR A 75 -19.02 3.97 -15.47
C THR A 75 -19.55 5.30 -15.94
N VAL A 99 -22.41 11.48 -10.59
CA VAL A 99 -21.44 10.56 -9.95
C VAL A 99 -20.43 10.11 -11.01
N ASN A 100 -20.94 9.56 -12.10
CA ASN A 100 -20.09 9.16 -13.20
C ASN A 100 -19.53 10.47 -13.67
N GLU A 101 -20.42 11.43 -13.87
CA GLU A 101 -20.01 12.76 -14.29
C GLU A 101 -19.02 13.33 -13.29
N ALA A 102 -19.16 12.94 -12.01
CA ALA A 102 -18.25 13.43 -10.98
C ALA A 102 -16.87 12.77 -11.15
N ALA A 103 -16.87 11.44 -11.23
CA ALA A 103 -15.63 10.69 -11.42
C ALA A 103 -14.89 11.27 -12.60
N ALA A 104 -15.60 11.48 -13.70
CA ALA A 104 -14.98 12.03 -14.89
C ALA A 104 -14.48 13.44 -14.63
N ASP A 105 -15.25 14.22 -13.87
CA ASP A 105 -14.84 15.60 -13.59
C ASP A 105 -13.56 15.66 -12.74
N ILE A 106 -13.51 14.89 -11.64
CA ILE A 106 -12.32 14.87 -10.78
C ILE A 106 -11.10 14.41 -11.61
N ALA A 107 -11.25 13.33 -12.36
CA ALA A 107 -10.14 12.86 -13.20
C ALA A 107 -9.61 13.95 -14.14
N ARG A 108 -10.55 14.70 -14.74
CA ARG A 108 -10.21 15.77 -15.67
C ARG A 108 -9.52 16.91 -14.95
N GLN A 109 -10.00 17.24 -13.75
CA GLN A 109 -9.39 18.32 -13.01
C GLN A 109 -7.94 17.98 -12.71
N VAL A 110 -7.67 16.78 -12.17
CA VAL A 110 -6.28 16.41 -11.86
C VAL A 110 -5.45 16.29 -13.14
N ALA A 111 -6.04 15.73 -14.21
CA ALA A 111 -5.31 15.61 -15.48
C ALA A 111 -4.91 16.99 -15.98
N ASP A 112 -5.80 17.96 -15.75
CA ASP A 112 -5.57 19.36 -16.12
C ASP A 112 -4.33 19.86 -15.40
N GLU A 113 -4.18 19.48 -14.15
CA GLU A 113 -3.05 19.89 -13.32
C GLU A 113 -1.69 19.46 -13.87
N GLY A 114 -1.66 18.59 -14.87
CA GLY A 114 -0.36 18.17 -15.35
C GLY A 114 -0.32 17.76 -16.79
N ASP A 115 0.59 16.87 -17.14
CA ASP A 115 0.64 16.45 -18.52
C ASP A 115 -0.07 15.10 -18.62
N ALA A 116 -1.40 15.10 -18.44
CA ALA A 116 -2.17 13.88 -18.52
C ALA A 116 -3.46 13.99 -19.33
N LEU A 117 -3.94 12.82 -19.77
CA LEU A 117 -5.18 12.70 -20.53
C LEU A 117 -6.18 11.98 -19.60
N VAL A 118 -7.45 12.03 -19.95
CA VAL A 118 -8.46 11.34 -19.17
C VAL A 118 -8.89 10.21 -20.07
N ALA A 119 -9.04 9.01 -19.53
CA ALA A 119 -9.48 7.88 -20.36
C ALA A 119 -10.74 7.23 -19.77
N GLY A 120 -11.66 6.81 -20.65
CA GLY A 120 -12.88 6.17 -20.20
C GLY A 120 -12.69 4.67 -20.33
N GLY A 121 -12.80 3.96 -19.22
CA GLY A 121 -12.59 2.54 -19.23
C GLY A 121 -13.86 1.72 -19.27
N VAL A 122 -13.84 0.66 -20.05
CA VAL A 122 -14.99 -0.22 -20.15
C VAL A 122 -14.49 -1.66 -19.96
N SER A 123 -15.19 -2.45 -19.14
CA SER A 123 -14.74 -3.83 -18.95
C SER A 123 -15.79 -4.86 -19.33
N GLN A 124 -15.40 -6.13 -19.37
CA GLN A 124 -16.34 -7.19 -19.71
C GLN A 124 -17.63 -7.10 -18.90
N THR A 125 -18.72 -7.36 -19.59
CA THR A 125 -20.05 -7.24 -19.04
C THR A 125 -20.71 -8.52 -18.56
N PRO A 126 -21.64 -8.41 -17.61
CA PRO A 126 -22.32 -9.62 -17.13
C PRO A 126 -23.21 -10.20 -18.25
N SER A 127 -23.79 -9.29 -19.04
CA SER A 127 -24.68 -9.65 -20.16
C SER A 127 -24.07 -10.65 -21.13
N TYR A 128 -22.81 -10.46 -21.45
CA TYR A 128 -22.13 -11.35 -22.37
C TYR A 128 -21.92 -12.70 -21.73
N LEU A 129 -21.48 -12.71 -20.48
CA LEU A 129 -21.26 -13.97 -19.78
C LEU A 129 -22.62 -14.61 -19.50
N SER A 130 -23.61 -13.77 -19.19
CA SER A 130 -24.94 -14.28 -18.92
C SER A 130 -25.64 -14.66 -20.24
N ALA A 131 -24.86 -14.74 -21.31
CA ALA A 131 -25.34 -15.13 -22.64
C ALA A 131 -26.45 -14.32 -23.29
N LYS A 132 -26.21 -13.05 -23.56
CA LYS A 132 -27.19 -12.21 -24.26
C LYS A 132 -26.56 -11.84 -25.60
N SER A 133 -25.24 -11.93 -25.63
CA SER A 133 -24.43 -11.66 -26.82
C SER A 133 -24.91 -10.57 -27.79
N GLU A 134 -24.34 -10.61 -28.99
CA GLU A 134 -24.66 -9.70 -30.09
C GLU A 134 -25.03 -8.25 -29.75
N THR A 135 -26.15 -7.81 -30.30
CA THR A 135 -26.65 -6.45 -30.13
C THR A 135 -26.77 -6.04 -28.66
N GLU A 136 -27.28 -6.95 -27.84
CA GLU A 136 -27.46 -6.69 -26.42
C GLU A 136 -26.21 -6.16 -25.71
N VAL A 137 -25.08 -6.85 -25.92
CA VAL A 137 -23.83 -6.44 -25.29
C VAL A 137 -23.38 -5.09 -25.85
N LYS A 138 -23.48 -4.94 -27.17
CA LYS A 138 -23.10 -3.69 -27.81
C LYS A 138 -23.87 -2.54 -27.18
N LYS A 139 -25.08 -2.82 -26.71
CA LYS A 139 -25.89 -1.75 -26.12
C LYS A 139 -25.37 -1.18 -24.80
N VAL A 140 -24.88 -2.02 -23.89
CA VAL A 140 -24.36 -1.50 -22.61
C VAL A 140 -23.06 -0.68 -22.80
N PHE A 141 -22.25 -1.08 -23.77
CA PHE A 141 -21.03 -0.31 -24.08
C PHE A 141 -21.47 1.05 -24.64
N LEU A 142 -22.39 1.02 -25.62
CA LEU A 142 -22.91 2.25 -26.23
C LEU A 142 -23.38 3.09 -25.06
N GLN A 143 -24.10 2.43 -24.16
CA GLN A 143 -24.61 3.04 -22.96
C GLN A 143 -23.46 3.79 -22.29
N GLN A 144 -22.42 3.04 -21.88
CA GLN A 144 -21.24 3.61 -21.21
C GLN A 144 -20.56 4.70 -22.01
N LEU A 145 -20.42 4.47 -23.31
CA LEU A 145 -19.78 5.44 -24.19
C LEU A 145 -20.44 6.80 -24.00
N GLU A 146 -21.77 6.82 -24.07
CA GLU A 146 -22.56 8.04 -23.92
C GLU A 146 -21.95 8.98 -22.90
N VAL A 147 -21.79 8.50 -21.67
CA VAL A 147 -21.23 9.32 -20.60
C VAL A 147 -19.82 9.84 -20.92
N PHE A 148 -18.98 8.97 -21.46
CA PHE A 148 -17.61 9.35 -21.78
C PHE A 148 -17.63 10.34 -22.96
N MET A 149 -18.71 10.28 -23.73
CA MET A 149 -18.88 11.18 -24.88
C MET A 149 -19.21 12.57 -24.40
N LYS A 150 -20.14 12.64 -23.46
CA LYS A 150 -20.58 13.90 -22.89
C LYS A 150 -19.51 14.56 -22.04
N LYS A 151 -18.73 13.76 -21.34
CA LYS A 151 -17.68 14.33 -20.50
C LYS A 151 -16.44 14.62 -21.36
N ASN A 152 -16.47 14.13 -22.60
CA ASN A 152 -15.39 14.40 -23.53
C ASN A 152 -14.01 13.88 -23.04
N VAL A 153 -13.94 12.56 -22.83
CA VAL A 153 -12.69 11.92 -22.39
C VAL A 153 -11.78 11.89 -23.61
N ASP A 154 -10.48 11.85 -23.38
CA ASP A 154 -9.53 11.85 -24.46
C ASP A 154 -9.48 10.57 -25.28
N PHE A 155 -9.63 9.42 -24.63
CA PHE A 155 -9.63 8.16 -25.36
C PHE A 155 -10.34 7.06 -24.57
N LEU A 156 -10.47 5.90 -25.16
CA LEU A 156 -11.21 4.84 -24.51
C LEU A 156 -10.41 3.54 -24.42
N ILE A 157 -10.63 2.81 -23.34
CA ILE A 157 -9.94 1.54 -23.18
C ILE A 157 -10.91 0.40 -22.96
N ALA A 158 -10.87 -0.62 -23.82
CA ALA A 158 -11.70 -1.80 -23.61
C ALA A 158 -10.73 -2.53 -22.66
N GLU A 159 -11.02 -2.46 -21.37
CA GLU A 159 -10.18 -3.02 -20.33
C GLU A 159 -10.85 -4.20 -19.64
N TYR A 160 -10.08 -5.25 -19.43
CA TYR A 160 -10.59 -6.43 -18.74
C TYR A 160 -11.60 -7.27 -19.51
N PHE A 161 -11.08 -8.09 -20.41
CA PHE A 161 -11.90 -8.99 -21.19
C PHE A 161 -11.17 -10.32 -21.21
N GLU A 162 -11.89 -11.37 -20.85
CA GLU A 162 -11.31 -12.71 -20.87
C GLU A 162 -11.72 -13.42 -22.15
N HIS A 163 -12.58 -12.78 -22.95
CA HIS A 163 -13.03 -13.37 -24.22
C HIS A 163 -12.77 -12.40 -25.37
N VAL A 164 -11.93 -12.80 -26.31
CA VAL A 164 -11.60 -11.97 -27.47
C VAL A 164 -12.88 -11.44 -28.13
N GLU A 165 -13.84 -12.34 -28.38
CA GLU A 165 -15.09 -11.98 -29.02
C GLU A 165 -15.79 -10.80 -28.39
N GLU A 166 -15.94 -10.84 -27.06
CA GLU A 166 -16.61 -9.74 -26.43
C GLU A 166 -15.74 -8.47 -26.47
N ALA A 167 -14.42 -8.64 -26.50
CA ALA A 167 -13.51 -7.48 -26.55
C ALA A 167 -13.72 -6.78 -27.90
N VAL A 168 -13.76 -7.55 -29.00
CA VAL A 168 -14.00 -7.02 -30.35
C VAL A 168 -15.29 -6.18 -30.40
N TRP A 169 -16.37 -6.76 -29.89
CA TRP A 169 -17.66 -6.07 -29.87
C TRP A 169 -17.52 -4.76 -29.12
N ALA A 170 -16.61 -4.74 -28.15
CA ALA A 170 -16.37 -3.55 -27.36
C ALA A 170 -15.60 -2.54 -28.21
N VAL A 171 -14.62 -3.04 -28.95
CA VAL A 171 -13.82 -2.15 -29.79
C VAL A 171 -14.73 -1.51 -30.87
N GLU A 172 -15.48 -2.34 -31.58
CA GLU A 172 -16.40 -1.89 -32.63
C GLU A 172 -17.38 -0.85 -32.14
N THR A 173 -17.78 -0.91 -30.87
CA THR A 173 -18.72 0.07 -30.33
C THR A 173 -18.02 1.35 -29.91
N LEU A 174 -16.87 1.20 -29.26
CA LEU A 174 -16.12 2.36 -28.77
C LEU A 174 -15.55 3.24 -29.88
N ILE A 175 -15.20 2.68 -31.03
CA ILE A 175 -14.64 3.54 -32.08
C ILE A 175 -15.70 4.47 -32.71
N ALA A 176 -16.97 4.22 -32.42
CA ALA A 176 -18.06 5.03 -32.96
C ALA A 176 -17.95 6.39 -32.32
N SER A 177 -17.03 6.50 -31.37
CA SER A 177 -16.84 7.76 -30.66
C SER A 177 -15.87 8.64 -31.43
N GLY A 178 -15.20 8.07 -32.42
CA GLY A 178 -14.22 8.85 -33.17
C GLY A 178 -12.96 9.07 -32.33
N LYS A 179 -12.94 8.52 -31.12
CA LYS A 179 -11.77 8.70 -30.28
C LYS A 179 -10.89 7.47 -30.37
N PRO A 180 -9.56 7.63 -30.13
CA PRO A 180 -8.68 6.47 -30.19
C PRO A 180 -9.13 5.44 -29.13
N VAL A 181 -9.05 4.17 -29.51
CA VAL A 181 -9.44 3.07 -28.66
C VAL A 181 -8.32 2.06 -28.33
N ALA A 182 -8.09 1.85 -27.05
CA ALA A 182 -7.09 0.87 -26.63
C ALA A 182 -7.84 -0.42 -26.15
N ALA A 183 -7.34 -1.59 -26.55
CA ALA A 183 -7.98 -2.85 -26.12
C ALA A 183 -6.96 -3.76 -25.42
N THR A 184 -7.25 -4.15 -24.18
CA THR A 184 -6.31 -5.02 -23.43
C THR A 184 -7.04 -6.29 -23.04
N MET A 185 -6.33 -7.43 -23.06
CA MET A 185 -6.91 -8.73 -22.73
C MET A 185 -6.38 -9.25 -21.39
N ALA A 186 -7.28 -9.87 -20.61
CA ALA A 186 -6.96 -10.51 -19.34
C ALA A 186 -6.72 -11.99 -19.70
N ILE A 187 -5.64 -12.25 -20.41
CA ILE A 187 -5.31 -13.60 -20.82
C ILE A 187 -3.81 -13.75 -20.68
N GLY A 188 -3.32 -14.98 -20.72
CA GLY A 188 -1.90 -15.24 -20.62
C GLY A 188 -1.46 -15.89 -21.92
N PRO A 189 -0.22 -16.41 -22.00
CA PRO A 189 0.28 -17.05 -23.22
C PRO A 189 -0.61 -18.13 -23.82
N GLU A 190 -1.40 -18.81 -22.98
CA GLU A 190 -2.24 -19.86 -23.50
C GLU A 190 -3.53 -19.39 -24.17
N GLY A 191 -3.84 -18.09 -24.08
CA GLY A 191 -5.04 -17.61 -24.76
C GLY A 191 -6.27 -17.31 -23.94
N ASP A 192 -7.37 -16.92 -24.60
CA ASP A 192 -8.57 -16.59 -23.85
C ASP A 192 -9.39 -17.80 -23.46
N LEU A 193 -10.56 -17.56 -22.88
CA LEU A 193 -11.41 -18.63 -22.43
C LEU A 193 -11.97 -19.59 -23.48
N HIS A 194 -11.94 -19.24 -24.76
CA HIS A 194 -12.45 -20.14 -25.80
C HIS A 194 -11.30 -20.81 -26.49
N GLY A 195 -10.08 -20.55 -26.05
CA GLY A 195 -8.93 -21.14 -26.72
C GLY A 195 -8.28 -20.24 -27.76
N VAL A 196 -8.71 -18.98 -27.88
CA VAL A 196 -8.10 -18.07 -28.85
C VAL A 196 -6.71 -17.63 -28.38
N PRO A 197 -5.65 -17.97 -29.13
CA PRO A 197 -4.31 -17.56 -28.70
C PRO A 197 -4.02 -16.04 -28.76
N PRO A 198 -2.97 -15.59 -28.05
CA PRO A 198 -2.60 -14.17 -28.05
C PRO A 198 -2.34 -13.58 -29.43
N GLY A 199 -1.60 -14.29 -30.29
CA GLY A 199 -1.35 -13.76 -31.62
C GLY A 199 -2.65 -13.40 -32.33
N GLU A 200 -3.56 -14.36 -32.41
CA GLU A 200 -4.83 -14.14 -33.06
C GLU A 200 -5.67 -13.06 -32.37
N ALA A 201 -5.69 -13.06 -31.04
CA ALA A 201 -6.49 -12.08 -30.33
C ALA A 201 -6.06 -10.66 -30.68
N ALA A 202 -4.75 -10.47 -30.75
CA ALA A 202 -4.23 -9.16 -31.10
C ALA A 202 -4.72 -8.74 -32.50
N VAL A 203 -4.57 -9.65 -33.46
CA VAL A 203 -4.99 -9.41 -34.86
C VAL A 203 -6.46 -9.01 -35.01
N ARG A 204 -7.37 -9.70 -34.29
CA ARG A 204 -8.80 -9.39 -34.36
C ARG A 204 -9.17 -8.07 -33.68
N LEU A 205 -8.40 -7.69 -32.65
CA LEU A 205 -8.65 -6.45 -31.93
C LEU A 205 -8.28 -5.25 -32.81
N VAL A 206 -7.13 -5.36 -33.49
CA VAL A 206 -6.69 -4.30 -34.38
C VAL A 206 -7.64 -4.19 -35.58
N LYS A 207 -7.96 -5.32 -36.21
CA LYS A 207 -8.88 -5.36 -37.36
C LYS A 207 -10.20 -4.74 -36.94
N ALA A 208 -10.53 -4.89 -35.66
CA ALA A 208 -11.77 -4.34 -35.16
C ALA A 208 -11.62 -2.84 -34.96
N GLY A 209 -10.40 -2.31 -35.07
CA GLY A 209 -10.21 -0.88 -34.92
C GLY A 209 -9.45 -0.31 -33.73
N ALA A 210 -8.83 -1.18 -32.94
CA ALA A 210 -8.09 -0.71 -31.76
C ALA A 210 -6.73 -0.21 -32.25
N SER A 211 -6.35 0.98 -31.80
CA SER A 211 -5.09 1.59 -32.18
C SER A 211 -3.97 1.18 -31.22
N ILE A 212 -4.39 0.63 -30.07
CA ILE A 212 -3.48 0.19 -28.99
C ILE A 212 -3.99 -1.12 -28.41
N ILE A 213 -3.09 -2.10 -28.27
CA ILE A 213 -3.49 -3.38 -27.76
C ILE A 213 -2.46 -3.94 -26.78
N GLY A 214 -2.91 -4.89 -25.95
CA GLY A 214 -2.02 -5.48 -24.98
C GLY A 214 -2.72 -6.35 -23.98
N VAL A 215 -2.11 -6.46 -22.80
CA VAL A 215 -2.61 -7.36 -21.76
C VAL A 215 -2.75 -6.68 -20.39
N ASN A 216 -3.68 -7.16 -19.57
CA ASN A 216 -3.80 -6.59 -18.25
C ASN A 216 -4.44 -7.51 -17.24
N CYS A 217 -4.21 -7.18 -15.98
CA CYS A 217 -4.79 -7.82 -14.79
C CYS A 217 -4.87 -9.31 -14.49
N HIS A 218 -4.17 -10.20 -15.16
CA HIS A 218 -4.36 -11.60 -14.74
C HIS A 218 -3.07 -12.22 -14.19
N PHE A 219 -1.92 -11.77 -14.70
CA PHE A 219 -0.63 -12.29 -14.29
C PHE A 219 0.35 -11.21 -13.96
N ASP A 220 1.47 -11.63 -13.36
CA ASP A 220 2.55 -10.72 -13.00
C ASP A 220 3.18 -10.09 -14.26
N PRO A 221 4.10 -9.13 -14.07
CA PRO A 221 4.76 -8.47 -15.22
C PRO A 221 5.44 -9.38 -16.26
N THR A 222 6.21 -10.38 -15.81
CA THR A 222 6.91 -11.27 -16.74
C THR A 222 5.97 -12.12 -17.60
N ILE A 223 5.01 -12.79 -16.97
CA ILE A 223 4.06 -13.58 -17.77
C ILE A 223 3.24 -12.65 -18.68
N SER A 224 2.87 -11.48 -18.17
CA SER A 224 2.13 -10.54 -18.98
C SER A 224 2.97 -10.12 -20.21
N LEU A 225 4.27 -9.84 -20.03
CA LEU A 225 5.03 -9.40 -21.18
C LEU A 225 5.29 -10.52 -22.17
N LYS A 226 5.28 -11.76 -21.71
CA LYS A 226 5.45 -12.88 -22.65
C LYS A 226 4.19 -12.95 -23.51
N THR A 227 3.05 -12.61 -22.92
CA THR A 227 1.81 -12.62 -23.65
C THR A 227 1.83 -11.49 -24.70
N VAL A 228 2.35 -10.33 -24.29
CA VAL A 228 2.46 -9.21 -25.17
C VAL A 228 3.39 -9.53 -26.35
N LYS A 229 4.48 -10.24 -26.08
CA LYS A 229 5.40 -10.63 -27.13
C LYS A 229 4.68 -11.53 -28.15
N LEU A 230 3.85 -12.44 -27.65
CA LEU A 230 3.08 -13.29 -28.55
C LEU A 230 2.09 -12.45 -29.36
N MET A 231 1.47 -11.45 -28.75
CA MET A 231 0.53 -10.60 -29.45
C MET A 231 1.25 -9.80 -30.56
N LYS A 232 2.48 -9.42 -30.29
CA LYS A 232 3.28 -8.65 -31.21
C LYS A 232 3.75 -9.51 -32.40
N GLU A 233 4.01 -10.79 -32.17
CA GLU A 233 4.43 -11.67 -33.24
C GLU A 233 3.21 -11.95 -34.11
N GLY A 234 2.03 -11.93 -33.50
CA GLY A 234 0.83 -12.15 -34.28
C GLY A 234 0.61 -11.00 -35.24
N LEU A 235 0.67 -9.78 -34.74
CA LEU A 235 0.51 -8.59 -35.56
C LEU A 235 1.55 -8.56 -36.68
N GLU A 236 2.77 -9.01 -36.39
CA GLU A 236 3.81 -8.99 -37.42
C GLU A 236 3.53 -10.01 -38.52
N ALA A 237 3.15 -11.22 -38.13
CA ALA A 237 2.85 -12.27 -39.09
C ALA A 237 1.67 -11.87 -39.95
N ALA A 238 0.93 -10.85 -39.52
CA ALA A 238 -0.23 -10.38 -40.26
C ALA A 238 0.00 -9.01 -40.91
N GLN A 239 1.24 -8.53 -40.90
CA GLN A 239 1.53 -7.25 -41.52
C GLN A 239 0.74 -6.11 -40.87
N LEU A 240 0.37 -6.28 -39.60
CA LEU A 240 -0.41 -5.27 -38.92
C LEU A 240 0.45 -4.48 -37.97
N LYS A 241 0.00 -3.28 -37.66
CA LYS A 241 0.76 -2.43 -36.77
C LYS A 241 -0.17 -1.81 -35.75
N ALA A 242 0.36 -1.63 -34.53
CA ALA A 242 -0.39 -1.01 -33.44
C ALA A 242 0.52 -0.78 -32.23
N HIS A 243 0.21 0.24 -31.43
CA HIS A 243 0.99 0.51 -30.24
C HIS A 243 0.68 -0.59 -29.23
N LEU A 244 1.61 -0.88 -28.34
CA LEU A 244 1.35 -1.95 -27.38
C LEU A 244 1.30 -1.39 -25.98
N MET A 245 0.49 -2.03 -25.15
CA MET A 245 0.40 -1.63 -23.76
C MET A 245 0.35 -2.84 -22.84
N SER A 246 0.69 -2.58 -21.59
CA SER A 246 0.71 -3.61 -20.59
C SER A 246 0.33 -3.00 -19.24
N GLN A 247 -0.59 -3.68 -18.59
CA GLN A 247 -1.06 -3.29 -17.27
C GLN A 247 -1.08 -4.59 -16.44
N PRO A 248 0.11 -5.12 -16.16
CA PRO A 248 0.14 -6.35 -15.36
C PRO A 248 -0.22 -6.15 -13.87
N LEU A 249 -0.33 -7.27 -13.15
CA LEU A 249 -0.57 -7.26 -11.70
C LEU A 249 0.79 -6.88 -11.11
N ALA A 250 0.79 -6.28 -9.92
CA ALA A 250 2.07 -6.01 -9.25
C ALA A 250 2.34 -7.26 -8.39
N TYR A 251 1.49 -8.29 -8.47
CA TYR A 251 1.71 -9.51 -7.64
C TYR A 251 2.46 -10.59 -8.44
N HIS A 252 3.47 -11.22 -7.83
CA HIS A 252 4.24 -12.29 -8.48
C HIS A 252 3.23 -13.44 -8.56
N THR A 253 3.21 -14.11 -9.69
CA THR A 253 2.17 -15.10 -9.92
C THR A 253 2.72 -16.37 -10.67
N PRO A 254 3.86 -16.94 -10.18
CA PRO A 254 4.39 -18.13 -10.89
C PRO A 254 3.58 -19.42 -10.80
N ASP A 255 2.66 -19.44 -9.83
CA ASP A 255 1.84 -20.58 -9.56
C ASP A 255 0.42 -20.51 -10.23
N ALA A 256 0.10 -19.41 -10.91
CA ALA A 256 -1.23 -19.36 -11.51
C ALA A 256 -1.36 -20.23 -12.73
N ASN A 257 -2.55 -20.71 -13.02
CA ASN A 257 -2.75 -21.45 -14.25
C ASN A 257 -3.35 -20.42 -15.27
N LYS A 258 -3.81 -20.92 -16.42
CA LYS A 258 -4.35 -20.03 -17.45
C LYS A 258 -5.49 -19.07 -17.02
N GLN A 259 -6.18 -19.37 -15.94
CA GLN A 259 -7.25 -18.48 -15.46
C GLN A 259 -6.77 -17.22 -14.70
N GLY A 260 -5.48 -17.14 -14.36
CA GLY A 260 -4.99 -15.95 -13.67
C GLY A 260 -5.00 -16.01 -12.14
N PHE A 261 -4.56 -14.93 -11.49
CA PHE A 261 -4.41 -14.94 -10.04
C PHE A 261 -5.64 -15.14 -9.21
N ILE A 262 -6.82 -14.92 -9.77
CA ILE A 262 -8.07 -15.06 -9.01
C ILE A 262 -8.32 -16.44 -8.40
N ASP A 263 -7.84 -17.46 -9.11
CA ASP A 263 -8.02 -18.85 -8.70
C ASP A 263 -7.01 -19.22 -7.59
N LEU A 264 -5.96 -18.41 -7.43
CA LEU A 264 -5.02 -18.71 -6.34
C LEU A 264 -5.78 -18.58 -5.01
N PRO A 265 -5.51 -19.49 -4.03
CA PRO A 265 -6.22 -19.39 -2.76
C PRO A 265 -5.98 -18.09 -1.98
N GLU A 266 -4.92 -17.33 -2.28
CA GLU A 266 -4.70 -16.05 -1.55
C GLU A 266 -5.50 -14.85 -2.06
N PHE A 267 -6.14 -15.00 -3.20
CA PHE A 267 -6.97 -13.93 -3.79
C PHE A 267 -8.24 -13.83 -2.94
N PRO A 268 -8.60 -12.62 -2.51
CA PRO A 268 -7.90 -11.35 -2.74
C PRO A 268 -7.26 -10.78 -1.47
N PHE A 269 -7.44 -11.45 -0.34
CA PHE A 269 -6.93 -10.90 0.93
C PHE A 269 -5.63 -11.46 1.53
N GLY A 270 -4.88 -12.27 0.77
CA GLY A 270 -3.64 -12.80 1.32
C GLY A 270 -2.50 -12.64 0.35
N LEU A 271 -2.63 -11.65 -0.53
CA LEU A 271 -1.67 -11.36 -1.60
C LEU A 271 -0.42 -10.58 -1.25
N GLU A 272 -0.38 -9.97 -0.06
CA GLU A 272 0.79 -9.18 0.37
C GLU A 272 2.19 -9.70 0.01
N PRO A 273 2.53 -10.94 0.39
CA PRO A 273 3.87 -11.44 0.08
C PRO A 273 4.29 -11.34 -1.38
N ARG A 274 3.30 -11.36 -2.26
CA ARG A 274 3.59 -11.36 -3.70
C ARG A 274 3.88 -9.98 -4.27
N VAL A 275 3.60 -8.94 -3.49
CA VAL A 275 3.79 -7.62 -4.02
C VAL A 275 5.18 -7.29 -4.58
N ALA A 276 5.18 -6.73 -5.79
CA ALA A 276 6.41 -6.34 -6.48
C ALA A 276 7.13 -5.20 -5.71
N THR A 277 8.47 -5.26 -5.65
CA THR A 277 9.24 -4.18 -5.07
C THR A 277 9.39 -3.16 -6.23
N ARG A 278 9.98 -2.02 -5.91
CA ARG A 278 10.20 -1.08 -6.97
C ARG A 278 11.23 -1.62 -7.97
N TRP A 279 12.15 -2.49 -7.51
CA TRP A 279 13.19 -3.04 -8.40
C TRP A 279 12.52 -4.02 -9.36
N ASP A 280 11.56 -4.81 -8.87
CA ASP A 280 10.82 -5.72 -9.78
C ASP A 280 10.11 -4.86 -10.86
N ILE A 281 9.53 -3.73 -10.42
CA ILE A 281 8.79 -2.85 -11.37
C ILE A 281 9.72 -2.19 -12.39
N GLN A 282 10.92 -1.78 -11.95
CA GLN A 282 11.88 -1.17 -12.86
C GLN A 282 12.36 -2.16 -13.89
N LYS A 283 12.51 -3.43 -13.49
CA LYS A 283 12.93 -4.46 -14.44
C LYS A 283 11.78 -4.62 -15.44
N TYR A 284 10.54 -4.64 -14.94
CA TYR A 284 9.37 -4.75 -15.83
C TYR A 284 9.33 -3.57 -16.85
N ALA A 285 9.50 -2.34 -16.37
CA ALA A 285 9.47 -1.18 -17.25
C ALA A 285 10.53 -1.31 -18.36
N ARG A 286 11.73 -1.67 -17.95
CA ARG A 286 12.83 -1.82 -18.88
C ARG A 286 12.56 -2.92 -19.91
N GLU A 287 12.12 -4.09 -19.46
CA GLU A 287 11.78 -5.16 -20.41
C GLU A 287 10.64 -4.75 -21.33
N ALA A 288 9.61 -4.10 -20.79
CA ALA A 288 8.47 -3.65 -21.61
C ALA A 288 8.98 -2.67 -22.69
N TYR A 289 9.80 -1.71 -22.29
CA TYR A 289 10.32 -0.74 -23.26
C TYR A 289 11.07 -1.51 -24.37
N ASN A 290 12.00 -2.37 -23.98
CA ASN A 290 12.76 -3.16 -24.95
C ASN A 290 11.90 -4.03 -25.87
N LEU A 291 10.75 -4.47 -25.40
CA LEU A 291 9.90 -5.28 -26.24
C LEU A 291 9.11 -4.37 -27.20
N GLY A 292 9.17 -3.07 -27.00
CA GLY A 292 8.44 -2.16 -27.86
C GLY A 292 7.17 -1.61 -27.25
N VAL A 293 6.94 -1.87 -25.95
CA VAL A 293 5.73 -1.37 -25.31
C VAL A 293 5.91 0.12 -25.03
N ARG A 294 4.92 0.93 -25.38
CA ARG A 294 5.04 2.36 -25.12
C ARG A 294 3.95 2.96 -24.23
N TYR A 295 2.98 2.14 -23.84
CA TYR A 295 1.92 2.56 -22.91
C TYR A 295 2.11 1.52 -21.77
N ILE A 296 2.87 1.94 -20.77
CA ILE A 296 3.31 1.10 -19.67
C ILE A 296 2.62 1.52 -18.38
N GLY A 297 1.74 0.64 -17.90
CA GLY A 297 0.97 0.87 -16.70
C GLY A 297 0.94 -0.39 -15.82
N GLY A 298 -0.15 -0.54 -15.05
CA GLY A 298 -0.26 -1.67 -14.16
C GLY A 298 -1.71 -1.82 -13.77
N CYS A 299 -2.04 -2.92 -13.10
CA CYS A 299 -3.41 -3.18 -12.66
C CYS A 299 -3.43 -3.48 -11.13
N CYS A 300 -4.16 -4.50 -10.69
CA CYS A 300 -4.24 -4.77 -9.22
C CYS A 300 -2.87 -4.88 -8.53
N GLY A 301 -2.74 -4.26 -7.36
CA GLY A 301 -1.49 -4.29 -6.64
C GLY A 301 -0.61 -3.07 -6.91
N PHE A 302 -0.78 -2.38 -8.05
CA PHE A 302 0.04 -1.21 -8.34
C PHE A 302 -0.37 0.00 -7.53
N GLU A 303 0.57 0.59 -6.82
CA GLU A 303 0.26 1.78 -6.06
C GLU A 303 1.10 2.90 -6.70
N PRO A 304 0.92 4.12 -6.25
CA PRO A 304 1.70 5.18 -6.85
C PRO A 304 3.22 4.96 -6.86
N TYR A 305 3.77 4.41 -5.79
CA TYR A 305 5.22 4.25 -5.80
C TYR A 305 5.69 3.29 -6.89
N HIS A 306 4.86 2.31 -7.24
CA HIS A 306 5.20 1.41 -8.36
C HIS A 306 5.21 2.20 -9.71
N ILE A 307 4.28 3.14 -9.86
CA ILE A 307 4.24 3.92 -11.09
C ILE A 307 5.48 4.78 -11.16
N ARG A 308 5.84 5.33 -10.02
CA ARG A 308 7.02 6.18 -9.94
C ARG A 308 8.29 5.39 -10.30
N ALA A 309 8.35 4.12 -9.92
CA ALA A 309 9.51 3.31 -10.26
C ALA A 309 9.62 3.21 -11.78
N ILE A 310 8.48 3.08 -12.46
CA ILE A 310 8.50 3.03 -13.92
C ILE A 310 9.07 4.35 -14.54
N ALA A 311 8.60 5.49 -14.03
CA ALA A 311 9.03 6.79 -14.56
C ALA A 311 10.50 7.04 -14.34
N GLU A 312 11.00 6.64 -13.17
CA GLU A 312 12.41 6.82 -12.88
C GLU A 312 13.30 5.90 -13.70
N GLU A 313 12.87 4.66 -13.88
CA GLU A 313 13.64 3.70 -14.66
C GLU A 313 13.79 4.20 -16.09
N LEU A 314 12.68 4.69 -16.64
CA LEU A 314 12.62 5.17 -17.99
C LEU A 314 12.83 6.69 -18.10
N ALA A 315 13.36 7.34 -17.05
CA ALA A 315 13.58 8.78 -17.12
C ALA A 315 14.49 9.15 -18.30
N PRO A 316 15.52 8.34 -18.59
CA PRO A 316 16.35 8.74 -19.74
C PRO A 316 15.57 8.63 -21.05
N GLU A 317 14.79 7.58 -21.22
CA GLU A 317 14.04 7.42 -22.48
C GLU A 317 12.88 8.38 -22.60
N ARG A 318 12.50 8.99 -21.47
CA ARG A 318 11.39 9.93 -21.47
C ARG A 318 11.95 11.33 -21.60
N GLY A 319 13.05 11.59 -20.88
CA GLY A 319 13.68 12.90 -20.94
C GLY A 319 13.60 13.71 -19.66
N PHE A 320 12.87 13.20 -18.67
CA PHE A 320 12.71 13.88 -17.38
C PHE A 320 12.17 12.92 -16.32
N LEU A 321 12.19 13.36 -15.06
CA LEU A 321 11.71 12.56 -13.96
C LEU A 321 10.28 12.96 -13.61
N PRO A 322 9.52 12.08 -12.94
CA PRO A 322 8.13 12.43 -12.58
C PRO A 322 8.22 13.55 -11.55
N PRO A 323 7.09 14.21 -11.22
CA PRO A 323 7.25 15.27 -10.22
C PRO A 323 7.82 14.75 -8.89
N ARG A 344 25.55 1.26 4.16
CA ARG A 344 25.70 2.44 3.27
C ARG A 344 25.82 1.98 1.82
N ALA A 345 26.21 0.71 1.64
CA ALA A 345 26.33 0.10 0.32
C ALA A 345 24.95 -0.31 -0.23
N ARG A 346 23.89 0.14 0.44
CA ARG A 346 22.54 -0.14 0.02
C ARG A 346 22.05 1.12 -0.68
N ALA A 347 23.01 1.99 -1.01
CA ALA A 347 22.72 3.23 -1.70
C ALA A 347 22.87 2.98 -3.21
N ARG A 348 23.40 1.81 -3.55
CA ARG A 348 23.64 1.47 -4.94
C ARG A 348 22.52 0.65 -5.59
N LYS A 349 22.02 1.19 -6.70
CA LYS A 349 20.96 0.54 -7.45
C LYS A 349 21.29 -0.90 -7.85
N GLU A 350 22.56 -1.19 -8.12
CA GLU A 350 22.88 -2.56 -8.52
C GLU A 350 22.82 -3.56 -7.36
N TYR A 351 22.89 -3.09 -6.12
CA TYR A 351 22.74 -4.00 -4.97
C TYR A 351 21.26 -4.44 -4.99
N TRP A 352 20.36 -3.46 -5.11
CA TRP A 352 18.92 -3.75 -5.13
C TRP A 352 18.53 -4.60 -6.34
N GLU A 353 19.14 -4.32 -7.49
CA GLU A 353 18.83 -5.09 -8.70
C GLU A 353 19.25 -6.54 -8.56
N ASN A 354 20.15 -6.81 -7.63
CA ASN A 354 20.62 -8.17 -7.48
C ASN A 354 20.22 -8.86 -6.15
N LEU A 355 19.61 -8.12 -5.24
CA LEU A 355 19.22 -8.68 -3.96
C LEU A 355 18.04 -9.64 -4.02
N ARG A 356 18.28 -10.92 -3.73
CA ARG A 356 17.19 -11.91 -3.71
C ARG A 356 16.47 -11.76 -2.36
N ILE A 357 15.47 -10.88 -2.31
CA ILE A 357 14.75 -10.60 -1.08
C ILE A 357 14.05 -11.81 -0.43
N ALA A 358 14.04 -11.82 0.88
CA ALA A 358 13.43 -12.89 1.63
C ALA A 358 11.98 -12.59 1.91
N SER A 359 11.18 -13.64 2.01
CA SER A 359 9.77 -13.47 2.29
C SER A 359 9.48 -13.19 3.74
N GLY A 360 10.36 -13.59 4.65
CA GLY A 360 10.10 -13.39 6.08
C GLY A 360 9.04 -14.36 6.64
N ARG A 361 8.65 -15.36 5.85
CA ARG A 361 7.62 -16.34 6.23
C ARG A 361 8.12 -17.76 6.01
N PRO A 362 9.08 -18.18 6.85
CA PRO A 362 9.67 -19.51 6.74
C PRO A 362 8.69 -20.68 6.96
N TYR A 363 7.58 -20.43 7.64
CA TYR A 363 6.60 -21.47 7.90
C TYR A 363 5.54 -21.56 6.82
N ASN A 364 5.72 -20.78 5.75
CA ASN A 364 4.71 -20.73 4.66
C ASN A 364 5.33 -21.28 3.38
N PRO A 365 4.52 -21.78 2.43
CA PRO A 365 5.10 -22.29 1.17
C PRO A 365 5.43 -21.08 0.25
N SER A 366 6.14 -21.34 -0.84
CA SER A 366 6.51 -20.30 -1.77
C SER A 366 5.48 -20.24 -2.93
N MET A 367 4.70 -21.30 -3.10
CA MET A 367 3.67 -21.34 -4.12
C MET A 367 2.44 -22.05 -3.61
N SER A 368 1.29 -21.77 -4.24
CA SER A 368 0.04 -22.46 -3.92
C SER A 368 -0.58 -22.99 -5.21
N LYS A 369 -1.46 -23.95 -5.09
CA LYS A 369 -2.13 -24.53 -6.24
C LYS A 369 -3.45 -23.80 -6.48
N PRO A 370 -3.72 -23.42 -7.72
CA PRO A 370 -5.01 -22.72 -7.96
C PRO A 370 -6.21 -23.61 -7.59
N ASP A 371 -7.28 -23.00 -7.09
CA ASP A 371 -8.51 -23.74 -6.80
C ASP A 371 -9.22 -23.93 -8.15
N LYS B 11 -12.83 13.49 25.66
CA LYS B 11 -12.13 12.54 26.58
C LYS B 11 -10.64 12.38 26.24
N GLY B 12 -9.78 12.58 27.24
CA GLY B 12 -8.35 12.48 27.05
C GLY B 12 -7.82 11.07 27.05
N ILE B 13 -6.52 10.93 26.79
CA ILE B 13 -5.89 9.62 26.72
C ILE B 13 -5.86 8.87 28.05
N LEU B 14 -5.54 9.52 29.17
CA LEU B 14 -5.54 8.78 30.44
C LEU B 14 -6.99 8.44 30.87
N GLU B 15 -7.93 9.33 30.53
CA GLU B 15 -9.34 9.11 30.84
C GLU B 15 -9.83 7.84 30.13
N ARG B 16 -9.63 7.77 28.82
CA ARG B 16 -10.02 6.60 28.05
C ARG B 16 -9.42 5.31 28.62
N LEU B 17 -8.09 5.29 28.73
CA LEU B 17 -7.36 4.13 29.21
C LEU B 17 -7.70 3.78 30.66
N ASN B 18 -7.90 4.79 31.51
CA ASN B 18 -8.25 4.51 32.92
C ASN B 18 -9.61 3.80 32.96
N ALA B 19 -10.48 4.12 32.01
CA ALA B 19 -11.80 3.47 31.94
C ALA B 19 -11.74 2.14 31.21
N GLY B 20 -10.53 1.65 30.94
CA GLY B 20 -10.40 0.37 30.28
C GLY B 20 -10.76 0.39 28.81
N GLU B 21 -10.66 1.55 28.16
CA GLU B 21 -10.97 1.56 26.74
C GLU B 21 -9.75 1.06 25.96
N ILE B 22 -9.99 0.61 24.73
CA ILE B 22 -8.89 0.18 23.86
C ILE B 22 -8.60 1.37 22.94
N VAL B 23 -7.43 1.97 23.06
CA VAL B 23 -7.12 3.10 22.16
C VAL B 23 -6.35 2.61 20.92
N ILE B 24 -6.80 3.00 19.73
CA ILE B 24 -6.12 2.58 18.50
C ILE B 24 -5.28 3.72 17.89
N GLY B 25 -3.99 3.43 17.71
CA GLY B 25 -3.07 4.40 17.14
C GLY B 25 -3.22 4.60 15.65
N ASP B 26 -2.53 5.61 15.13
CA ASP B 26 -2.55 5.83 13.70
C ASP B 26 -1.22 5.33 13.17
N GLY B 27 -1.00 4.03 13.35
CA GLY B 27 0.21 3.36 12.91
C GLY B 27 1.34 4.08 12.16
N GLY B 28 1.57 3.64 10.94
CA GLY B 28 2.65 4.18 10.15
C GLY B 28 2.27 5.41 9.38
N PHE B 29 1.88 6.48 10.08
CA PHE B 29 1.52 7.73 9.40
C PHE B 29 2.73 8.15 8.61
N VAL B 30 3.86 8.26 9.29
CA VAL B 30 5.08 8.70 8.61
C VAL B 30 5.48 7.75 7.51
N PHE B 31 5.31 6.46 7.78
CA PHE B 31 5.67 5.48 6.78
C PHE B 31 4.80 5.65 5.53
N ALA B 32 3.51 5.90 5.76
CA ALA B 32 2.57 6.05 4.67
C ALA B 32 2.77 7.32 3.85
N LEU B 33 3.05 8.42 4.53
CA LEU B 33 3.29 9.69 3.85
C LEU B 33 4.51 9.49 2.96
N GLU B 34 5.51 8.79 3.48
CA GLU B 34 6.74 8.48 2.73
C GLU B 34 6.39 7.69 1.49
N LYS B 35 5.64 6.61 1.70
CA LYS B 35 5.21 5.73 0.62
C LYS B 35 4.44 6.46 -0.47
N ARG B 36 3.65 7.46 -0.09
CA ARG B 36 2.86 8.21 -1.06
C ARG B 36 3.64 9.33 -1.75
N GLY B 37 4.90 9.52 -1.36
CA GLY B 37 5.75 10.52 -1.99
C GLY B 37 5.65 11.97 -1.53
N TYR B 38 5.55 12.20 -0.23
CA TYR B 38 5.42 13.56 0.29
C TYR B 38 6.39 13.77 1.42
N HIS B 52 1.82 20.40 0.43
CA HIS B 52 0.60 19.62 0.11
C HIS B 52 -0.16 19.23 1.37
N PRO B 53 -0.93 20.18 1.93
CA PRO B 53 -1.70 19.93 3.15
C PRO B 53 -2.80 18.91 2.87
N GLU B 54 -3.35 18.98 1.66
CA GLU B 54 -4.39 18.07 1.23
C GLU B 54 -3.94 16.61 1.34
N ALA B 55 -2.68 16.34 1.02
CA ALA B 55 -2.17 14.98 1.05
C ALA B 55 -2.07 14.49 2.48
N VAL B 56 -1.64 15.39 3.36
CA VAL B 56 -1.50 15.07 4.77
C VAL B 56 -2.88 14.94 5.44
N ARG B 57 -3.80 15.84 5.13
CA ARG B 57 -5.12 15.76 5.72
C ARG B 57 -5.86 14.48 5.32
N GLN B 58 -5.73 14.10 4.07
CA GLN B 58 -6.36 12.89 3.53
C GLN B 58 -5.84 11.61 4.24
N LEU B 59 -4.53 11.55 4.48
CA LEU B 59 -3.96 10.38 5.14
C LEU B 59 -4.46 10.28 6.57
N HIS B 60 -4.44 11.41 7.29
CA HIS B 60 -4.94 11.46 8.67
C HIS B 60 -6.38 10.94 8.68
N ARG B 61 -7.18 11.40 7.73
CA ARG B 61 -8.58 11.00 7.63
C ARG B 61 -8.77 9.50 7.38
N GLU B 62 -7.88 8.92 6.57
CA GLU B 62 -7.95 7.50 6.29
C GLU B 62 -7.69 6.76 7.59
N PHE B 63 -6.68 7.19 8.36
CA PHE B 63 -6.48 6.52 9.62
C PHE B 63 -7.71 6.65 10.54
N LEU B 64 -8.28 7.85 10.63
CA LEU B 64 -9.45 8.07 11.48
C LEU B 64 -10.62 7.21 11.01
N ARG B 65 -10.82 7.16 9.71
CA ARG B 65 -11.92 6.40 9.14
C ARG B 65 -11.68 4.91 9.47
N ALA B 66 -10.40 4.50 9.54
CA ALA B 66 -10.00 3.14 9.84
C ALA B 66 -10.18 2.79 11.33
N GLY B 67 -10.33 3.83 12.15
CA GLY B 67 -10.54 3.61 13.56
C GLY B 67 -9.54 4.20 14.53
N SER B 68 -8.51 4.89 14.04
CA SER B 68 -7.51 5.47 14.92
C SER B 68 -8.16 6.51 15.86
N ASN B 69 -7.73 6.53 17.14
CA ASN B 69 -8.23 7.48 18.13
C ASN B 69 -7.14 8.52 18.38
N VAL B 70 -6.05 8.38 17.63
CA VAL B 70 -4.92 9.27 17.75
C VAL B 70 -4.43 9.74 16.39
N MET B 71 -4.28 11.06 16.28
CA MET B 71 -3.76 11.67 15.09
C MET B 71 -2.46 12.34 15.49
N GLN B 72 -1.35 11.85 14.98
CA GLN B 72 -0.07 12.41 15.34
C GLN B 72 0.45 13.54 14.48
N THR B 73 1.33 14.35 15.07
CA THR B 73 1.98 15.46 14.38
C THR B 73 3.41 15.41 14.89
N PHE B 74 4.33 16.04 14.17
CA PHE B 74 5.72 15.96 14.55
C PHE B 74 6.57 17.23 14.52
N THR B 75 7.75 17.10 15.16
CA THR B 75 8.81 18.13 15.32
C THR B 75 8.43 19.37 16.13
N VAL B 99 5.35 24.28 8.04
CA VAL B 99 5.74 24.44 9.47
C VAL B 99 5.28 23.26 10.32
N ASN B 100 5.82 23.21 11.52
CA ASN B 100 5.47 22.18 12.47
C ASN B 100 4.08 22.51 12.95
N GLU B 101 3.78 23.80 12.96
CA GLU B 101 2.48 24.29 13.38
C GLU B 101 1.38 23.90 12.41
N ALA B 102 1.67 23.94 11.12
CA ALA B 102 0.66 23.55 10.16
C ALA B 102 0.44 22.03 10.34
N ALA B 103 1.50 21.32 10.67
CA ALA B 103 1.42 19.87 10.88
C ALA B 103 0.43 19.64 12.00
N ALA B 104 0.65 20.33 13.12
CA ALA B 104 -0.23 20.21 14.28
C ALA B 104 -1.65 20.64 13.96
N ASP B 105 -1.82 21.71 13.18
CA ASP B 105 -3.16 22.18 12.84
C ASP B 105 -3.98 21.14 12.07
N ILE B 106 -3.37 20.56 11.05
CA ILE B 106 -4.05 19.56 10.23
C ILE B 106 -4.44 18.36 11.08
N ALA B 107 -3.52 17.90 11.92
CA ALA B 107 -3.84 16.78 12.78
C ALA B 107 -5.06 17.10 13.65
N ARG B 108 -5.02 18.28 14.27
CA ARG B 108 -6.10 18.71 15.17
C ARG B 108 -7.40 18.76 14.39
N GLN B 109 -7.28 19.33 13.19
CA GLN B 109 -8.42 19.48 12.35
C GLN B 109 -9.10 18.14 12.12
N VAL B 110 -8.34 17.12 11.76
CA VAL B 110 -8.94 15.81 11.47
C VAL B 110 -9.37 15.11 12.73
N ALA B 111 -8.63 15.34 13.81
CA ALA B 111 -8.97 14.69 15.06
C ALA B 111 -10.37 15.14 15.51
N ASP B 112 -10.71 16.38 15.18
CA ASP B 112 -12.00 16.96 15.53
C ASP B 112 -13.14 16.42 14.68
N GLU B 113 -12.81 15.58 13.70
CA GLU B 113 -13.84 15.02 12.83
C GLU B 113 -14.31 13.67 13.34
N GLY B 114 -13.69 13.20 14.42
CA GLY B 114 -14.06 11.93 15.00
C GLY B 114 -13.68 11.82 16.47
N ASP B 115 -13.59 10.60 16.97
CA ASP B 115 -13.23 10.41 18.36
C ASP B 115 -11.73 10.20 18.48
N ALA B 116 -10.97 11.29 18.31
CA ALA B 116 -9.52 11.20 18.37
C ALA B 116 -8.85 12.36 19.06
N LEU B 117 -7.63 12.08 19.53
CA LEU B 117 -6.77 13.01 20.22
C LEU B 117 -5.59 13.36 19.30
N VAL B 118 -4.89 14.44 19.62
CA VAL B 118 -3.72 14.81 18.82
C VAL B 118 -2.54 14.56 19.71
N ALA B 119 -1.54 13.82 19.21
CA ALA B 119 -0.36 13.60 20.03
C ALA B 119 0.89 14.13 19.37
N GLY B 120 1.78 14.70 20.18
CA GLY B 120 3.05 15.21 19.66
C GLY B 120 4.10 14.16 19.94
N GLY B 121 4.86 13.77 18.93
CA GLY B 121 5.88 12.75 19.15
C GLY B 121 7.30 13.26 18.98
N VAL B 122 8.23 12.70 19.74
CA VAL B 122 9.62 13.08 19.63
C VAL B 122 10.44 11.80 19.57
N SER B 123 11.45 11.78 18.70
CA SER B 123 12.26 10.59 18.60
C SER B 123 13.67 10.92 19.12
N GLN B 124 14.49 9.88 19.21
CA GLN B 124 15.84 10.06 19.66
C GLN B 124 16.54 11.05 18.74
N THR B 125 17.49 11.77 19.30
CA THR B 125 18.24 12.71 18.49
C THR B 125 19.19 11.86 17.66
N PRO B 126 19.45 12.25 16.42
CA PRO B 126 20.39 11.38 15.71
C PRO B 126 21.75 11.74 16.28
N SER B 127 21.77 12.86 17.02
CA SER B 127 22.98 13.42 17.63
C SER B 127 23.59 12.67 18.82
N TYR B 128 22.93 11.63 19.32
CA TYR B 128 23.54 10.89 20.42
C TYR B 128 24.71 10.09 19.82
N LEU B 129 24.51 9.61 18.59
CA LEU B 129 25.55 8.86 17.89
C LEU B 129 26.59 9.91 17.50
N SER B 130 26.16 11.18 17.56
CA SER B 130 27.00 12.31 17.24
C SER B 130 27.78 12.70 18.50
N ALA B 131 27.93 11.73 19.41
CA ALA B 131 28.63 11.92 20.68
C ALA B 131 27.95 12.96 21.57
N LYS B 132 27.59 14.09 20.98
CA LYS B 132 26.94 15.17 21.71
C LYS B 132 25.59 14.73 22.28
N SER B 133 25.52 14.69 23.60
CA SER B 133 24.30 14.27 24.32
C SER B 133 24.31 14.75 25.78
N GLU B 134 23.16 15.21 26.28
CA GLU B 134 22.99 15.66 27.67
C GLU B 134 22.07 16.88 27.74
N THR B 135 22.69 18.02 28.03
CA THR B 135 22.00 19.29 28.08
C THR B 135 21.59 19.53 26.64
N GLU B 136 22.47 19.15 25.72
CA GLU B 136 22.17 19.34 24.29
C GLU B 136 20.90 18.59 23.90
N VAL B 137 20.77 17.36 24.38
CA VAL B 137 19.60 16.56 24.06
C VAL B 137 18.33 17.18 24.61
N LYS B 138 18.31 17.49 25.89
CA LYS B 138 17.11 18.11 26.44
C LYS B 138 16.77 19.45 25.79
N LYS B 139 17.75 20.14 25.23
CA LYS B 139 17.42 21.42 24.61
C LYS B 139 16.58 21.19 23.36
N VAL B 140 16.93 20.18 22.57
CA VAL B 140 16.18 19.87 21.37
C VAL B 140 14.74 19.45 21.77
N PHE B 141 14.64 18.50 22.69
CA PHE B 141 13.34 18.03 23.17
C PHE B 141 12.50 19.21 23.65
N LEU B 142 13.16 20.13 24.36
CA LEU B 142 12.52 21.30 24.93
C LEU B 142 11.97 22.19 23.83
N GLN B 143 12.73 22.37 22.75
CA GLN B 143 12.28 23.21 21.65
C GLN B 143 11.01 22.60 21.05
N GLN B 144 11.01 21.27 20.87
CA GLN B 144 9.82 20.59 20.31
C GLN B 144 8.66 20.63 21.28
N LEU B 145 8.95 20.50 22.58
CA LEU B 145 7.92 20.53 23.63
C LEU B 145 7.12 21.82 23.54
N GLU B 146 7.79 22.91 23.18
CA GLU B 146 7.15 24.21 23.08
C GLU B 146 6.22 24.25 21.89
N VAL B 147 6.69 23.79 20.74
CA VAL B 147 5.79 23.80 19.60
C VAL B 147 4.48 23.12 20.00
N PHE B 148 4.60 21.93 20.62
CA PHE B 148 3.44 21.14 21.03
C PHE B 148 2.56 21.79 22.11
N MET B 149 3.18 22.40 23.12
CA MET B 149 2.38 23.03 24.16
C MET B 149 1.67 24.20 23.50
N LYS B 150 2.39 24.89 22.65
CA LYS B 150 1.85 26.02 21.93
C LYS B 150 0.63 25.62 21.11
N LYS B 151 0.72 24.48 20.42
CA LYS B 151 -0.38 23.99 19.60
C LYS B 151 -1.35 23.21 20.47
N ASN B 152 -1.04 23.11 21.74
CA ASN B 152 -1.92 22.44 22.69
C ASN B 152 -2.37 21.03 22.32
N VAL B 153 -1.40 20.15 22.12
CA VAL B 153 -1.66 18.76 21.77
C VAL B 153 -2.31 18.10 22.99
N ASP B 154 -2.94 16.93 22.79
CA ASP B 154 -3.57 16.23 23.90
C ASP B 154 -2.57 15.45 24.76
N PHE B 155 -1.53 14.90 24.14
CA PHE B 155 -0.52 14.21 24.92
C PHE B 155 0.78 14.07 24.15
N LEU B 156 1.78 13.48 24.78
CA LEU B 156 3.06 13.38 24.15
C LEU B 156 3.63 11.98 24.14
N ILE B 157 4.40 11.69 23.09
CA ILE B 157 4.98 10.38 22.95
C ILE B 157 6.47 10.44 22.67
N ALA B 158 7.22 9.77 23.53
CA ALA B 158 8.63 9.64 23.37
C ALA B 158 8.71 8.37 22.47
N GLU B 159 8.67 8.56 21.15
CA GLU B 159 8.73 7.47 20.16
C GLU B 159 10.17 7.28 19.68
N TYR B 160 10.40 6.22 18.96
CA TYR B 160 11.75 5.91 18.50
C TYR B 160 12.94 6.27 19.41
N PHE B 161 13.30 5.33 20.30
CA PHE B 161 14.42 5.50 21.22
C PHE B 161 15.14 4.18 21.38
N GLU B 162 16.42 4.16 21.02
CA GLU B 162 17.20 2.94 21.14
C GLU B 162 18.05 2.86 22.40
N HIS B 163 18.14 3.98 23.13
CA HIS B 163 18.92 4.03 24.37
C HIS B 163 17.99 4.47 25.48
N VAL B 164 17.83 3.62 26.50
CA VAL B 164 16.96 3.97 27.62
C VAL B 164 17.39 5.30 28.27
N GLU B 165 18.69 5.48 28.43
CA GLU B 165 19.20 6.69 29.04
C GLU B 165 18.59 7.93 28.36
N GLU B 166 18.62 7.95 27.02
CA GLU B 166 18.07 9.05 26.27
C GLU B 166 16.53 9.05 26.31
N ALA B 167 15.93 7.86 26.36
CA ALA B 167 14.46 7.77 26.47
C ALA B 167 14.06 8.55 27.74
N VAL B 168 14.77 8.27 28.83
CA VAL B 168 14.54 8.92 30.11
C VAL B 168 14.60 10.46 30.04
N TRP B 169 15.68 10.98 29.45
CA TRP B 169 15.85 12.41 29.31
C TRP B 169 14.62 12.96 28.62
N ALA B 170 14.16 12.29 27.56
CA ALA B 170 12.96 12.73 26.86
C ALA B 170 11.74 12.81 27.78
N VAL B 171 11.45 11.75 28.52
CA VAL B 171 10.30 11.75 29.42
C VAL B 171 10.41 12.89 30.47
N GLU B 172 11.61 13.09 31.02
CA GLU B 172 11.86 14.14 32.03
C GLU B 172 11.50 15.51 31.47
N THR B 173 11.98 15.79 30.26
CA THR B 173 11.68 17.06 29.63
C THR B 173 10.19 17.21 29.34
N LEU B 174 9.58 16.16 28.77
CA LEU B 174 8.17 16.16 28.38
C LEU B 174 7.14 16.27 29.51
N ILE B 175 7.37 15.68 30.67
CA ILE B 175 6.36 15.75 31.73
C ILE B 175 6.25 17.17 32.27
N ALA B 176 7.29 17.96 32.03
CA ALA B 176 7.32 19.35 32.48
C ALA B 176 6.19 20.14 31.77
N SER B 177 5.46 19.51 30.86
CA SER B 177 4.36 20.21 30.20
C SER B 177 3.05 20.02 30.98
N GLY B 178 3.05 19.06 31.91
CA GLY B 178 1.84 18.76 32.67
C GLY B 178 0.92 17.87 31.84
N LYS B 179 1.36 17.49 30.64
CA LYS B 179 0.58 16.62 29.75
C LYS B 179 0.95 15.15 29.95
N PRO B 180 0.01 14.23 29.67
CA PRO B 180 0.36 12.81 29.84
C PRO B 180 1.47 12.43 28.86
N VAL B 181 2.39 11.60 29.33
CA VAL B 181 3.51 11.15 28.50
C VAL B 181 3.58 9.63 28.27
N ALA B 182 3.72 9.26 26.99
CA ALA B 182 3.85 7.85 26.64
C ALA B 182 5.29 7.65 26.20
N ALA B 183 5.89 6.52 26.58
CA ALA B 183 7.24 6.23 26.17
C ALA B 183 7.33 4.82 25.56
N THR B 184 7.95 4.72 24.39
CA THR B 184 8.13 3.43 23.75
C THR B 184 9.63 3.26 23.45
N MET B 185 10.12 2.03 23.43
CA MET B 185 11.52 1.74 23.15
C MET B 185 11.63 0.87 21.88
N ALA B 186 12.61 1.19 21.04
CA ALA B 186 12.87 0.47 19.81
C ALA B 186 13.90 -0.59 20.17
N ILE B 187 13.44 -1.58 20.92
CA ILE B 187 14.28 -2.64 21.40
C ILE B 187 13.49 -3.93 21.40
N GLY B 188 14.21 -5.04 21.40
CA GLY B 188 13.59 -6.35 21.42
C GLY B 188 13.86 -6.99 22.76
N PRO B 189 13.57 -8.28 22.91
CA PRO B 189 13.77 -9.01 24.17
C PRO B 189 15.14 -8.85 24.81
N GLU B 190 16.18 -8.68 24.02
CA GLU B 190 17.52 -8.55 24.57
C GLU B 190 17.87 -7.19 25.14
N GLY B 191 16.97 -6.22 25.02
CA GLY B 191 17.24 -4.91 25.58
C GLY B 191 17.86 -3.89 24.65
N ASP B 192 18.14 -2.71 25.19
CA ASP B 192 18.70 -1.63 24.38
C ASP B 192 20.17 -1.76 24.05
N LEU B 193 20.67 -0.74 23.35
CA LEU B 193 22.05 -0.62 22.90
C LEU B 193 23.13 -0.71 23.96
N HIS B 194 22.73 -0.73 25.23
CA HIS B 194 23.69 -0.83 26.34
C HIS B 194 23.52 -2.12 27.14
N GLY B 195 22.60 -2.97 26.72
CA GLY B 195 22.39 -4.20 27.46
C GLY B 195 21.35 -3.99 28.53
N VAL B 196 20.66 -2.85 28.50
CA VAL B 196 19.62 -2.61 29.48
C VAL B 196 18.41 -3.44 29.11
N PRO B 197 18.02 -4.40 29.95
CA PRO B 197 16.86 -5.25 29.64
C PRO B 197 15.50 -4.50 29.63
N PRO B 198 14.52 -5.00 28.83
CA PRO B 198 13.18 -4.44 28.68
C PRO B 198 12.47 -4.18 30.00
N GLY B 199 12.56 -5.15 30.91
CA GLY B 199 11.93 -4.99 32.21
C GLY B 199 12.43 -3.75 32.94
N GLU B 200 13.75 -3.65 33.03
CA GLU B 200 14.36 -2.53 33.68
C GLU B 200 14.08 -1.25 32.92
N ALA B 201 14.10 -1.32 31.59
CA ALA B 201 13.82 -0.11 30.79
C ALA B 201 12.42 0.40 31.14
N ALA B 202 11.47 -0.54 31.20
CA ALA B 202 10.10 -0.18 31.52
C ALA B 202 10.06 0.51 32.90
N VAL B 203 10.77 -0.07 33.87
CA VAL B 203 10.79 0.47 35.23
C VAL B 203 11.27 1.91 35.27
N ARG B 204 12.44 2.17 34.67
CA ARG B 204 13.01 3.50 34.63
C ARG B 204 12.17 4.55 33.91
N LEU B 205 11.45 4.15 32.86
CA LEU B 205 10.60 5.10 32.13
C LEU B 205 9.41 5.51 32.96
N VAL B 206 8.81 4.55 33.65
CA VAL B 206 7.67 4.88 34.50
C VAL B 206 8.18 5.79 35.63
N LYS B 207 9.31 5.42 36.21
CA LYS B 207 9.86 6.22 37.28
C LYS B 207 10.15 7.65 36.81
N ALA B 208 10.47 7.79 35.53
CA ALA B 208 10.75 9.11 34.98
C ALA B 208 9.48 9.91 34.74
N GLY B 209 8.32 9.26 34.86
CA GLY B 209 7.06 9.96 34.68
C GLY B 209 6.15 9.54 33.53
N ALA B 210 6.49 8.46 32.81
CA ALA B 210 5.62 8.03 31.70
C ALA B 210 4.44 7.24 32.26
N SER B 211 3.24 7.56 31.82
CA SER B 211 2.08 6.81 32.30
C SER B 211 1.71 5.67 31.33
N ILE B 212 2.36 5.67 30.17
CA ILE B 212 2.12 4.67 29.15
C ILE B 212 3.46 4.24 28.59
N ILE B 213 3.77 2.94 28.67
CA ILE B 213 5.02 2.43 28.12
C ILE B 213 4.81 1.29 27.11
N GLY B 214 5.82 1.06 26.27
CA GLY B 214 5.71 0.01 25.28
C GLY B 214 6.90 -0.17 24.34
N VAL B 215 6.65 -0.80 23.20
CA VAL B 215 7.73 -1.05 22.25
C VAL B 215 7.31 -0.68 20.82
N ASN B 216 8.29 -0.39 19.97
CA ASN B 216 7.96 -0.05 18.60
C ASN B 216 9.11 -0.03 17.62
N CYS B 217 8.74 -0.02 16.34
CA CYS B 217 9.65 0.17 15.22
C CYS B 217 10.88 -0.67 14.91
N HIS B 218 11.06 -1.83 15.54
CA HIS B 218 12.24 -2.61 15.21
C HIS B 218 11.91 -4.05 14.81
N PHE B 219 10.81 -4.57 15.35
CA PHE B 219 10.41 -5.94 15.08
C PHE B 219 8.94 -6.11 14.73
N ASP B 220 8.62 -7.31 14.23
CA ASP B 220 7.25 -7.67 13.85
C ASP B 220 6.33 -7.78 15.08
N PRO B 221 5.02 -7.87 14.87
CA PRO B 221 4.09 -7.97 16.01
C PRO B 221 4.38 -9.01 17.09
N THR B 222 4.83 -10.19 16.67
CA THR B 222 5.09 -11.27 17.61
C THR B 222 6.31 -11.03 18.49
N ILE B 223 7.41 -10.61 17.91
CA ILE B 223 8.60 -10.34 18.71
C ILE B 223 8.34 -9.09 19.57
N SER B 224 7.58 -8.13 19.04
CA SER B 224 7.29 -6.90 19.80
C SER B 224 6.48 -7.20 21.06
N LEU B 225 5.43 -8.03 20.94
CA LEU B 225 4.60 -8.37 22.11
C LEU B 225 5.36 -9.19 23.16
N LYS B 226 6.33 -9.99 22.72
CA LYS B 226 7.15 -10.72 23.68
C LYS B 226 7.96 -9.68 24.48
N THR B 227 8.37 -8.61 23.79
CA THR B 227 9.14 -7.58 24.44
C THR B 227 8.25 -6.86 25.44
N VAL B 228 7.02 -6.56 25.05
CA VAL B 228 6.09 -5.90 25.93
C VAL B 228 5.79 -6.78 27.15
N LYS B 229 5.80 -8.11 26.96
CA LYS B 229 5.54 -9.00 28.08
C LYS B 229 6.65 -8.87 29.12
N LEU B 230 7.87 -8.79 28.62
CA LEU B 230 9.03 -8.62 29.47
C LEU B 230 8.92 -7.28 30.21
N MET B 231 8.55 -6.22 29.50
CA MET B 231 8.39 -4.92 30.13
C MET B 231 7.33 -5.02 31.23
N LYS B 232 6.21 -5.65 30.91
CA LYS B 232 5.10 -5.79 31.87
C LYS B 232 5.56 -6.52 33.14
N GLU B 233 6.44 -7.50 32.95
CA GLU B 233 6.94 -8.26 34.08
C GLU B 233 7.91 -7.42 34.88
N GLY B 234 8.56 -6.47 34.24
CA GLY B 234 9.47 -5.59 34.94
C GLY B 234 8.66 -4.68 35.85
N LEU B 235 7.57 -4.12 35.34
CA LEU B 235 6.72 -3.24 36.14
C LEU B 235 6.12 -3.99 37.35
N GLU B 236 5.65 -5.22 37.12
CA GLU B 236 5.07 -6.03 38.18
C GLU B 236 6.08 -6.26 39.32
N ALA B 237 7.23 -6.82 38.99
CA ALA B 237 8.27 -7.08 39.97
C ALA B 237 8.64 -5.82 40.75
N ALA B 238 8.51 -4.66 40.12
CA ALA B 238 8.85 -3.40 40.78
C ALA B 238 7.60 -2.76 41.37
N GLN B 239 6.50 -3.51 41.35
CA GLN B 239 5.25 -3.00 41.89
C GLN B 239 4.89 -1.62 41.34
N LEU B 240 5.04 -1.43 40.04
CA LEU B 240 4.68 -0.15 39.42
C LEU B 240 3.55 -0.42 38.44
N LYS B 241 2.82 0.62 38.09
CA LYS B 241 1.71 0.45 37.17
C LYS B 241 1.78 1.49 36.06
N ALA B 242 1.45 1.04 34.87
CA ALA B 242 1.44 1.87 33.69
C ALA B 242 0.60 1.18 32.61
N HIS B 243 0.03 1.97 31.72
CA HIS B 243 -0.72 1.43 30.62
C HIS B 243 0.34 0.97 29.62
N LEU B 244 -0.02 -0.03 28.81
CA LEU B 244 0.92 -0.59 27.83
C LEU B 244 0.48 -0.28 26.43
N MET B 245 1.46 -0.13 25.54
CA MET B 245 1.18 0.15 24.15
C MET B 245 2.18 -0.59 23.27
N SER B 246 1.80 -0.78 22.01
CA SER B 246 2.69 -1.49 21.08
C SER B 246 2.47 -0.92 19.70
N GLN B 247 3.57 -0.59 19.02
CA GLN B 247 3.56 -0.04 17.67
C GLN B 247 4.55 -0.90 16.89
N PRO B 248 4.19 -2.16 16.65
CA PRO B 248 5.16 -2.98 15.92
C PRO B 248 5.22 -2.64 14.44
N LEU B 249 6.23 -3.23 13.79
CA LEU B 249 6.35 -3.09 12.35
C LEU B 249 5.24 -3.98 11.80
N ALA B 250 4.80 -3.71 10.58
CA ALA B 250 3.84 -4.59 9.95
C ALA B 250 4.67 -5.62 9.14
N TYR B 251 5.99 -5.62 9.29
CA TYR B 251 6.83 -6.57 8.53
C TYR B 251 7.21 -7.79 9.38
N HIS B 252 7.08 -8.97 8.81
CA HIS B 252 7.49 -10.19 9.51
C HIS B 252 9.00 -10.11 9.54
N THR B 253 9.59 -10.35 10.72
CA THR B 253 11.04 -10.29 10.90
C THR B 253 11.55 -11.47 11.78
N PRO B 254 11.25 -12.72 11.39
CA PRO B 254 11.72 -13.84 12.22
C PRO B 254 13.24 -14.02 12.11
N ASP B 255 13.83 -13.38 11.12
CA ASP B 255 15.24 -13.52 10.90
C ASP B 255 16.08 -12.35 11.47
N ALA B 256 15.44 -11.39 12.14
CA ALA B 256 16.20 -10.24 12.63
C ALA B 256 17.03 -10.54 13.85
N ASN B 257 18.10 -9.77 14.03
CA ASN B 257 18.92 -9.95 15.21
C ASN B 257 18.47 -8.86 16.21
N LYS B 258 19.21 -8.66 17.30
CA LYS B 258 18.79 -7.68 18.31
C LYS B 258 18.74 -6.25 17.79
N GLN B 259 19.38 -5.98 16.65
CA GLN B 259 19.33 -4.64 16.07
C GLN B 259 18.04 -4.39 15.27
N GLY B 260 17.14 -5.36 15.19
CA GLY B 260 15.92 -5.09 14.44
C GLY B 260 16.02 -5.17 12.92
N PHE B 261 14.93 -4.84 12.22
CA PHE B 261 14.89 -4.96 10.76
C PHE B 261 15.84 -4.05 9.98
N ILE B 262 16.36 -3.00 10.62
CA ILE B 262 17.29 -2.10 9.90
C ILE B 262 18.53 -2.84 9.37
N ASP B 263 18.90 -3.90 10.09
CA ASP B 263 20.04 -4.72 9.75
C ASP B 263 19.75 -5.82 8.71
N LEU B 264 18.47 -6.11 8.43
CA LEU B 264 18.16 -7.10 7.41
C LEU B 264 18.61 -6.51 6.07
N PRO B 265 19.11 -7.34 5.14
CA PRO B 265 19.55 -6.78 3.85
C PRO B 265 18.49 -6.15 2.98
N GLU B 266 17.21 -6.45 3.24
CA GLU B 266 16.13 -5.88 2.45
C GLU B 266 15.68 -4.48 2.92
N PHE B 267 16.20 -4.05 4.06
CA PHE B 267 15.87 -2.73 4.59
C PHE B 267 16.65 -1.72 3.70
N PRO B 268 15.99 -0.69 3.17
CA PRO B 268 14.54 -0.43 3.36
C PRO B 268 13.73 -0.56 2.08
N PHE B 269 14.35 -0.97 0.96
CA PHE B 269 13.62 -1.06 -0.30
C PHE B 269 13.19 -2.43 -0.87
N GLY B 270 13.38 -3.51 -0.08
CA GLY B 270 12.99 -4.84 -0.53
C GLY B 270 12.11 -5.57 0.50
N LEU B 271 11.40 -4.78 1.29
CA LEU B 271 10.57 -5.28 2.39
C LEU B 271 9.17 -5.76 2.03
N GLU B 272 8.72 -5.46 0.80
CA GLU B 272 7.38 -5.85 0.39
C GLU B 272 6.90 -7.24 0.76
N PRO B 273 7.70 -8.28 0.49
CA PRO B 273 7.28 -9.66 0.81
C PRO B 273 6.87 -9.90 2.26
N ARG B 274 7.48 -9.14 3.18
CA ARG B 274 7.24 -9.32 4.61
C ARG B 274 5.94 -8.67 5.13
N VAL B 275 5.32 -7.84 4.32
CA VAL B 275 4.14 -7.15 4.81
C VAL B 275 3.02 -8.06 5.34
N ALA B 276 2.54 -7.71 6.55
CA ALA B 276 1.48 -8.44 7.21
C ALA B 276 0.14 -8.34 6.46
N THR B 277 -0.62 -9.41 6.43
CA THR B 277 -1.94 -9.34 5.84
C THR B 277 -2.86 -8.75 6.93
N ARG B 278 -4.10 -8.50 6.57
CA ARG B 278 -4.99 -8.01 7.59
C ARG B 278 -5.21 -9.07 8.69
N TRP B 279 -5.11 -10.36 8.32
CA TRP B 279 -5.30 -11.47 9.24
C TRP B 279 -4.13 -11.53 10.23
N ASP B 280 -2.90 -11.36 9.75
CA ASP B 280 -1.73 -11.31 10.63
C ASP B 280 -1.98 -10.20 11.71
N ILE B 281 -2.49 -9.05 11.29
CA ILE B 281 -2.71 -7.92 12.21
C ILE B 281 -3.87 -8.14 13.20
N GLN B 282 -4.89 -8.90 12.78
CA GLN B 282 -6.02 -9.19 13.66
C GLN B 282 -5.51 -10.11 14.76
N LYS B 283 -4.63 -11.03 14.40
CA LYS B 283 -4.07 -11.96 15.37
C LYS B 283 -3.21 -11.14 16.36
N TYR B 284 -2.42 -10.20 15.84
CA TYR B 284 -1.62 -9.32 16.70
C TYR B 284 -2.55 -8.50 17.64
N ALA B 285 -3.60 -7.92 17.10
CA ALA B 285 -4.51 -7.11 17.92
C ALA B 285 -5.10 -7.95 19.07
N ARG B 286 -5.57 -9.15 18.73
CA ARG B 286 -6.16 -10.06 19.71
C ARG B 286 -5.13 -10.45 20.79
N GLU B 287 -3.94 -10.84 20.37
CA GLU B 287 -2.91 -11.21 21.33
C GLU B 287 -2.50 -10.01 22.16
N ALA B 288 -2.45 -8.82 21.55
CA ALA B 288 -2.09 -7.60 22.28
C ALA B 288 -3.17 -7.36 23.37
N TYR B 289 -4.43 -7.44 22.96
CA TYR B 289 -5.55 -7.29 23.86
C TYR B 289 -5.40 -8.30 25.02
N ASN B 290 -5.18 -9.58 24.68
CA ASN B 290 -5.03 -10.61 25.70
C ASN B 290 -3.87 -10.37 26.68
N LEU B 291 -2.81 -9.71 26.22
CA LEU B 291 -1.64 -9.44 27.06
C LEU B 291 -1.88 -8.27 28.02
N GLY B 292 -2.91 -7.48 27.74
CA GLY B 292 -3.21 -6.34 28.58
C GLY B 292 -2.93 -5.02 27.89
N VAL B 293 -2.46 -5.10 26.64
CA VAL B 293 -2.16 -3.88 25.89
C VAL B 293 -3.46 -3.18 25.54
N ARG B 294 -3.51 -1.88 25.79
CA ARG B 294 -4.70 -1.12 25.51
C ARG B 294 -4.48 0.06 24.56
N TYR B 295 -3.23 0.31 24.20
CA TYR B 295 -2.90 1.36 23.21
C TYR B 295 -2.27 0.52 22.08
N ILE B 296 -3.09 0.14 21.11
CA ILE B 296 -2.65 -0.76 20.04
C ILE B 296 -2.42 -0.02 18.75
N GLY B 297 -1.16 0.07 18.34
CA GLY B 297 -0.85 0.79 17.12
C GLY B 297 0.08 0.06 16.21
N GLY B 298 0.87 0.81 15.44
CA GLY B 298 1.78 0.17 14.51
C GLY B 298 2.83 1.20 14.11
N CYS B 299 3.89 0.73 13.47
CA CYS B 299 4.97 1.61 13.04
C CYS B 299 5.20 1.44 11.53
N CYS B 300 6.46 1.35 11.10
CA CYS B 300 6.73 1.18 9.64
C CYS B 300 6.01 -0.02 9.03
N GLY B 301 5.41 0.18 7.87
CA GLY B 301 4.71 -0.91 7.18
C GLY B 301 3.22 -0.85 7.37
N PHE B 302 2.79 -0.21 8.46
CA PHE B 302 1.35 -0.09 8.73
C PHE B 302 0.62 0.91 7.83
N GLU B 303 -0.49 0.49 7.26
CA GLU B 303 -1.29 1.38 6.45
C GLU B 303 -2.68 1.39 7.03
N PRO B 304 -3.53 2.34 6.61
CA PRO B 304 -4.89 2.41 7.13
C PRO B 304 -5.60 1.06 7.19
N TYR B 305 -5.45 0.22 6.17
CA TYR B 305 -6.16 -1.05 6.21
C TYR B 305 -5.64 -1.93 7.34
N HIS B 306 -4.38 -1.77 7.76
CA HIS B 306 -3.93 -2.60 8.89
C HIS B 306 -4.65 -2.09 10.17
N ILE B 307 -4.82 -0.77 10.27
CA ILE B 307 -5.50 -0.18 11.44
C ILE B 307 -6.95 -0.64 11.44
N ARG B 308 -7.60 -0.61 10.30
CA ARG B 308 -9.00 -1.06 10.24
C ARG B 308 -9.12 -2.50 10.74
N ALA B 309 -8.15 -3.35 10.37
CA ALA B 309 -8.16 -4.75 10.80
C ALA B 309 -8.13 -4.83 12.32
N ILE B 310 -7.34 -3.97 12.96
CA ILE B 310 -7.30 -3.98 14.44
C ILE B 310 -8.70 -3.60 15.01
N ALA B 311 -9.28 -2.57 14.42
CA ALA B 311 -10.56 -2.05 14.84
C ALA B 311 -11.66 -3.07 14.65
N GLU B 312 -11.57 -3.86 13.57
CA GLU B 312 -12.59 -4.86 13.32
C GLU B 312 -12.43 -6.09 14.21
N GLU B 313 -11.19 -6.50 14.43
CA GLU B 313 -10.94 -7.66 15.26
C GLU B 313 -11.45 -7.43 16.68
N LEU B 314 -11.32 -6.19 17.13
CA LEU B 314 -11.73 -5.83 18.47
C LEU B 314 -13.07 -5.10 18.50
N ALA B 315 -13.84 -5.17 17.43
CA ALA B 315 -15.13 -4.49 17.38
C ALA B 315 -16.04 -4.98 18.51
N PRO B 316 -15.99 -6.29 18.84
CA PRO B 316 -16.88 -6.71 19.95
C PRO B 316 -16.46 -6.01 21.22
N GLU B 317 -15.23 -6.28 21.64
CA GLU B 317 -14.76 -5.65 22.86
C GLU B 317 -15.00 -4.13 22.97
N ARG B 318 -14.93 -3.43 21.83
CA ARG B 318 -15.08 -1.98 21.84
C ARG B 318 -16.52 -1.46 21.72
N GLY B 319 -17.41 -2.33 21.23
CA GLY B 319 -18.80 -1.96 21.12
C GLY B 319 -19.16 -1.21 19.86
N PHE B 320 -18.25 -1.21 18.89
CA PHE B 320 -18.53 -0.50 17.64
C PHE B 320 -17.48 -0.75 16.57
N LEU B 321 -17.88 -0.54 15.34
CA LEU B 321 -17.01 -0.71 14.21
C LEU B 321 -16.47 0.65 13.79
N PRO B 322 -15.27 0.68 13.17
CA PRO B 322 -14.74 1.98 12.76
C PRO B 322 -15.61 2.46 11.61
N PRO B 323 -15.59 3.77 11.29
CA PRO B 323 -16.43 4.27 10.20
C PRO B 323 -16.42 3.39 8.94
N GLY B 334 -18.55 -8.63 0.01
CA GLY B 334 -19.28 -9.12 -1.21
C GLY B 334 -18.51 -10.21 -1.93
N LEU B 335 -17.53 -10.80 -1.23
CA LEU B 335 -16.74 -11.88 -1.81
C LEU B 335 -17.69 -13.05 -2.02
N ASP B 336 -18.66 -13.18 -1.11
CA ASP B 336 -19.64 -14.25 -1.13
C ASP B 336 -20.59 -14.19 -2.32
N MET B 337 -20.55 -13.08 -3.07
CA MET B 337 -21.35 -12.95 -4.29
C MET B 337 -20.47 -13.08 -5.55
N HIS B 338 -19.18 -13.36 -5.37
CA HIS B 338 -18.28 -13.50 -6.51
C HIS B 338 -18.77 -14.64 -7.39
N THR B 339 -18.54 -14.55 -8.71
CA THR B 339 -19.00 -15.56 -9.66
C THR B 339 -18.44 -16.95 -9.45
N LYS B 340 -17.17 -17.05 -9.10
CA LYS B 340 -16.53 -18.34 -8.89
C LYS B 340 -16.85 -18.96 -7.54
N PRO B 341 -17.28 -20.22 -7.55
CA PRO B 341 -17.61 -20.92 -6.30
C PRO B 341 -16.43 -20.94 -5.33
N TRP B 342 -15.26 -21.32 -5.83
CA TRP B 342 -14.09 -21.39 -4.95
C TRP B 342 -13.74 -20.04 -4.41
N VAL B 343 -14.10 -18.97 -5.09
CA VAL B 343 -13.79 -17.62 -4.55
C VAL B 343 -14.82 -17.29 -3.44
N ARG B 344 -16.10 -17.67 -3.67
CA ARG B 344 -17.15 -17.42 -2.67
C ARG B 344 -16.82 -18.14 -1.37
N ALA B 345 -16.26 -19.32 -1.51
CA ALA B 345 -15.88 -20.15 -0.37
C ALA B 345 -14.84 -19.45 0.59
N ARG B 346 -14.24 -18.36 0.11
CA ARG B 346 -13.25 -17.62 0.88
C ARG B 346 -13.88 -16.51 1.71
N ALA B 347 -15.18 -16.26 1.51
CA ALA B 347 -15.84 -15.21 2.30
C ALA B 347 -16.18 -15.73 3.70
N ARG B 348 -15.18 -16.14 4.46
CA ARG B 348 -15.39 -16.66 5.80
C ARG B 348 -14.08 -16.41 6.51
N LYS B 349 -14.14 -15.72 7.64
CA LYS B 349 -12.94 -15.39 8.39
C LYS B 349 -12.10 -16.63 8.66
N GLU B 350 -12.77 -17.74 8.97
CA GLU B 350 -12.05 -18.97 9.28
C GLU B 350 -11.12 -19.39 8.14
N TYR B 351 -11.56 -19.18 6.91
CA TYR B 351 -10.73 -19.56 5.79
C TYR B 351 -9.42 -18.80 5.89
N TRP B 352 -9.50 -17.47 5.98
CA TRP B 352 -8.28 -16.65 6.03
C TRP B 352 -7.44 -16.85 7.29
N GLU B 353 -8.12 -17.07 8.40
CA GLU B 353 -7.41 -17.26 9.65
C GLU B 353 -6.59 -18.52 9.61
N ASN B 354 -7.02 -19.49 8.80
CA ASN B 354 -6.27 -20.73 8.73
C ASN B 354 -5.40 -20.93 7.47
N LEU B 355 -5.48 -20.01 6.54
CA LEU B 355 -4.69 -20.15 5.32
C LEU B 355 -3.21 -19.75 5.42
N ARG B 356 -2.33 -20.70 5.13
CA ARG B 356 -0.89 -20.43 5.11
C ARG B 356 -0.60 -19.89 3.69
N ILE B 357 -0.64 -18.57 3.55
CA ILE B 357 -0.44 -17.96 2.25
C ILE B 357 0.95 -18.21 1.67
N ALA B 358 0.98 -18.34 0.34
CA ALA B 358 2.23 -18.55 -0.40
C ALA B 358 2.89 -17.20 -0.64
N SER B 359 4.21 -17.21 -0.81
CA SER B 359 4.98 -15.99 -1.04
C SER B 359 4.94 -15.60 -2.49
N GLY B 360 4.72 -16.57 -3.37
CA GLY B 360 4.73 -16.27 -4.80
C GLY B 360 6.17 -16.11 -5.35
N ARG B 361 7.19 -16.36 -4.51
CA ARG B 361 8.61 -16.22 -4.89
C ARG B 361 9.40 -17.49 -4.63
N PRO B 362 9.17 -18.53 -5.46
CA PRO B 362 9.86 -19.82 -5.30
C PRO B 362 11.37 -19.76 -5.49
N TYR B 363 11.86 -18.80 -6.28
CA TYR B 363 13.28 -18.65 -6.48
C TYR B 363 13.97 -17.79 -5.41
N ASN B 364 13.23 -17.42 -4.36
CA ASN B 364 13.82 -16.58 -3.30
C ASN B 364 13.79 -17.34 -1.98
N PRO B 365 14.61 -16.93 -1.00
CA PRO B 365 14.61 -17.62 0.31
C PRO B 365 13.45 -17.07 1.18
N SER B 366 13.22 -17.70 2.33
CA SER B 366 12.16 -17.22 3.25
C SER B 366 12.77 -16.36 4.35
N MET B 367 14.08 -16.44 4.51
CA MET B 367 14.77 -15.61 5.50
C MET B 367 16.14 -15.20 4.98
N SER B 368 16.66 -14.12 5.53
CA SER B 368 17.98 -13.58 5.18
C SER B 368 18.79 -13.39 6.46
N LYS B 369 20.09 -13.31 6.30
CA LYS B 369 21.00 -13.12 7.41
C LYS B 369 21.17 -11.64 7.65
N PRO B 370 21.07 -11.20 8.90
CA PRO B 370 21.24 -9.75 9.18
C PRO B 370 22.65 -9.30 8.77
N ASP B 371 22.76 -8.04 8.34
CA ASP B 371 24.03 -7.41 7.98
C ASP B 371 24.56 -7.56 6.56
SM SM C . 12.00 -14.46 -13.77
SM SM D . 8.26 19.25 -2.93
C1 CIT E . 16.45 -15.62 -11.47
O1 CIT E . 17.53 -15.97 -10.98
O2 CIT E . 16.28 -15.25 -12.64
C2 CIT E . 15.22 -15.69 -10.54
C3 CIT E . 13.87 -15.22 -11.14
O7 CIT E . 13.67 -15.85 -12.30
C4 CIT E . 12.79 -15.60 -10.09
C5 CIT E . 11.30 -15.30 -10.39
O3 CIT E . 10.50 -15.51 -9.46
O4 CIT E . 10.98 -14.94 -11.52
C6 CIT E . 13.87 -13.69 -11.35
O5 CIT E . 14.31 -12.97 -10.43
O6 CIT E . 13.45 -13.24 -12.44
SM SM F . -19.85 5.74 2.84
SM SM G . 4.26 -17.43 15.10
C1 CIT H . 4.66 -18.06 11.81
O1 CIT H . 4.68 -17.72 10.62
O2 CIT H . 3.96 -18.99 12.31
C2 CIT H . 5.59 -17.28 12.78
C3 CIT H . 5.94 -15.85 12.30
O7 CIT H . 4.78 -15.19 11.98
C4 CIT H . 6.64 -15.11 13.48
C5 CIT H . 7.35 -13.80 13.08
O3 CIT H . 8.25 -13.40 13.85
O4 CIT H . 7.00 -13.24 12.01
C6 CIT H . 6.86 -15.91 11.05
O5 CIT H . 7.66 -16.87 10.96
O6 CIT H . 6.76 -15.00 10.19
#